data_8EZL
#
_entry.id   8EZL
#
_cell.length_a   88.610
_cell.length_b   55.750
_cell.length_c   86.090
_cell.angle_alpha   90.000
_cell.angle_beta   103.629
_cell.angle_gamma   90.000
#
_symmetry.space_group_name_H-M   'C 1 2 1'
#
loop_
_entity.id
_entity.type
_entity.pdbx_description
1 polymer '25 kDa ookinete surface antigen'
2 polymer 'Transmission-reducing antibody AS01-50, single chain Fv'
3 non-polymer 2-acetamido-2-deoxy-beta-D-glucopyranose
4 water water
#
loop_
_entity_poly.entity_id
_entity_poly.type
_entity_poly.pdbx_seq_one_letter_code
_entity_poly.pdbx_strand_id
1 'polypeptide(L)'
;TGKVTVDTVCKRGFLIQMSGHLECKCENDLVLVNEETCEEKVLKCDEKTVNKPCGDFSKCIKIDGNPVSYACKCNLGYDM
VNNVCIPNECKQVTCGNGKCILDTSNPVKTGVCSCNIGKVPNVQDQNKCSKDGETKCSLKCLKEQETCKAVDGIYKCDCK
DGFIIDQESSICTGTKHHHHHH
;
A
2 'polypeptide(L)'
;TGQITLKESGPTLVKPTQTLTLTCTFSGSSLSTSGVGVGWIRQPPGKALEWLALIYWNDDKRYSPSLKRRLTITKDTSKN
QVVLTMTNMDPVDTATYYCVHRGSAPYYYDSSGYYSTFYYFDYWGQGTLVTVSSGGGGSGGGGSGGGGSGGGGSQPVLTQ
PPSASASLGASLSLTCTLSSGYNNYKVDWYQQRPGKGPRFVMRVGTGGIVGSKGDGIPDRFSVLGSGLNRNLTIKNIQED
DESDYHCGADHGSGSNLDYVVFGGGTKLTVLGTKHHHHHH
;
H
#
loop_
_chem_comp.id
_chem_comp.type
_chem_comp.name
_chem_comp.formula
NAG D-saccharide, beta linking 2-acetamido-2-deoxy-beta-D-glucopyranose 'C8 H15 N O6'
#
# COMPACT_ATOMS: atom_id res chain seq x y z
N THR A 1 10.06 21.56 -7.88
CA THR A 1 9.70 22.21 -9.17
C THR A 1 9.60 21.15 -10.28
N GLY A 2 8.74 20.17 -10.07
CA GLY A 2 8.54 19.14 -11.07
C GLY A 2 9.80 18.35 -11.34
N LYS A 3 10.16 18.25 -12.61
CA LYS A 3 11.29 17.43 -13.02
C LYS A 3 12.61 18.18 -12.84
N VAL A 4 13.67 17.42 -12.61
CA VAL A 4 15.00 17.99 -12.43
C VAL A 4 15.60 18.28 -13.80
N THR A 5 16.08 19.50 -13.97
CA THR A 5 16.71 19.94 -15.21
C THR A 5 18.09 20.51 -14.90
N VAL A 6 18.76 21.00 -15.94
CA VAL A 6 20.07 21.62 -15.74
C VAL A 6 19.96 22.96 -15.02
N ASP A 7 18.77 23.54 -14.97
CA ASP A 7 18.56 24.81 -14.26
C ASP A 7 18.18 24.62 -12.80
N THR A 8 18.00 23.39 -12.35
CA THR A 8 17.57 23.14 -10.98
C THR A 8 18.67 23.50 -9.98
N VAL A 9 18.26 24.09 -8.86
CA VAL A 9 19.16 24.33 -7.74
C VAL A 9 18.92 23.24 -6.72
N CYS A 10 19.88 22.34 -6.57
CA CYS A 10 19.79 21.27 -5.58
C CYS A 10 20.08 21.86 -4.20
N LYS A 11 19.03 21.97 -3.38
CA LYS A 11 19.20 22.52 -2.04
C LYS A 11 20.06 21.57 -1.21
N ARG A 12 21.27 22.03 -0.85
CA ARG A 12 22.21 21.23 -0.07
C ARG A 12 22.64 19.97 -0.83
N GLY A 13 22.63 20.04 -2.16
CA GLY A 13 23.09 18.95 -2.99
C GLY A 13 23.77 19.45 -4.25
N PHE A 14 23.86 18.62 -5.28
CA PHE A 14 24.47 19.04 -6.53
C PHE A 14 23.98 18.13 -7.64
N LEU A 15 24.01 18.65 -8.86
CA LEU A 15 23.49 17.94 -10.03
C LEU A 15 24.49 16.89 -10.51
N ILE A 16 23.98 15.69 -10.78
CA ILE A 16 24.75 14.67 -11.49
C ILE A 16 23.93 14.25 -12.70
N GLN A 17 24.63 13.83 -13.74
CA GLN A 17 24.00 13.47 -15.01
C GLN A 17 24.47 12.08 -15.43
N MET A 18 23.54 11.27 -15.90
CA MET A 18 23.80 9.96 -16.47
C MET A 18 23.28 9.94 -17.91
N SER A 19 23.34 8.76 -18.54
CA SER A 19 23.05 8.69 -19.96
C SER A 19 21.61 9.12 -20.28
N GLY A 20 20.71 9.00 -19.31
CA GLY A 20 19.30 9.23 -19.60
C GLY A 20 18.54 10.15 -18.67
N HIS A 21 19.22 10.78 -17.71
CA HIS A 21 18.52 11.67 -16.79
C HIS A 21 19.52 12.48 -15.98
N LEU A 22 18.98 13.45 -15.24
CA LEU A 22 19.71 14.21 -14.24
C LEU A 22 19.04 14.03 -12.89
N GLU A 23 19.82 14.07 -11.82
CA GLU A 23 19.27 13.99 -10.48
C GLU A 23 20.17 14.76 -9.52
N CYS A 24 19.59 15.13 -8.38
CA CYS A 24 20.34 15.78 -7.32
C CYS A 24 20.96 14.71 -6.41
N LYS A 25 22.24 14.88 -6.09
CA LYS A 25 22.92 14.06 -5.10
C LYS A 25 23.19 14.90 -3.86
N CYS A 26 22.97 14.32 -2.70
CA CYS A 26 23.02 15.06 -1.45
C CYS A 26 24.45 15.18 -0.93
N GLU A 27 24.64 16.15 -0.04
CA GLU A 27 25.92 16.37 0.62
C GLU A 27 26.05 15.51 1.86
N ASN A 28 27.28 15.09 2.16
CA ASN A 28 27.61 14.36 3.38
C ASN A 28 26.54 13.34 3.75
N ASP A 29 25.87 13.56 4.88
CA ASP A 29 24.94 12.57 5.44
C ASP A 29 23.49 12.79 5.01
N LEU A 30 23.21 13.83 4.24
CA LEU A 30 21.83 14.21 3.96
C LEU A 30 21.15 13.19 3.05
N VAL A 31 19.81 13.23 3.06
CA VAL A 31 18.99 12.36 2.24
C VAL A 31 18.01 13.22 1.47
N LEU A 32 17.52 12.67 0.35
CA LEU A 32 16.60 13.39 -0.52
C LEU A 32 15.20 13.36 0.07
N VAL A 33 14.70 14.53 0.47
CA VAL A 33 13.30 14.63 0.87
C VAL A 33 12.40 14.80 -0.35
N ASN A 34 12.92 15.44 -1.40
CA ASN A 34 12.29 15.43 -2.71
C ASN A 34 13.39 15.42 -3.77
N GLU A 35 13.01 15.54 -5.03
CA GLU A 35 13.98 15.45 -6.11
C GLU A 35 14.97 16.60 -6.12
N GLU A 36 14.65 17.70 -5.42
CA GLU A 36 15.54 18.85 -5.37
C GLU A 36 16.16 19.10 -4.00
N THR A 37 15.57 18.58 -2.93
CA THR A 37 15.89 19.00 -1.57
C THR A 37 16.57 17.89 -0.79
N CYS A 38 17.57 18.26 -0.01
CA CYS A 38 18.28 17.35 0.88
C CYS A 38 18.16 17.87 2.32
N GLU A 39 17.91 16.95 3.25
CA GLU A 39 17.73 17.31 4.65
C GLU A 39 18.26 16.18 5.53
N GLU A 40 18.43 16.48 6.81
CA GLU A 40 18.97 15.48 7.74
C GLU A 40 18.05 14.28 7.85
N LYS A 41 18.66 13.09 7.94
CA LYS A 41 17.91 11.86 8.14
C LYS A 41 17.61 11.68 9.62
N VAL A 42 16.42 11.19 9.92
CA VAL A 42 16.03 10.81 11.27
C VAL A 42 16.29 9.32 11.44
N LEU A 43 16.73 8.92 12.64
CA LEU A 43 17.09 7.54 12.89
C LEU A 43 15.89 6.70 13.31
N LYS A 44 14.99 7.26 14.11
CA LYS A 44 13.82 6.55 14.62
C LYS A 44 12.56 7.32 14.25
N CYS A 45 11.59 6.61 13.67
CA CYS A 45 10.30 7.19 13.33
C CYS A 45 9.39 7.12 14.55
N ASP A 46 8.81 8.27 14.92
CA ASP A 46 8.04 8.40 16.15
C ASP A 46 6.88 9.34 15.89
N GLU A 47 6.13 9.64 16.95
CA GLU A 47 5.11 10.69 16.85
C GLU A 47 5.76 12.04 16.61
N LYS A 48 6.97 12.25 17.14
CA LYS A 48 7.66 13.52 16.98
C LYS A 48 8.27 13.69 15.59
N THR A 49 8.66 12.60 14.95
CA THR A 49 9.41 12.66 13.70
C THR A 49 8.53 12.41 12.47
N VAL A 50 7.21 12.38 12.63
CA VAL A 50 6.34 12.14 11.47
C VAL A 50 6.53 13.24 10.44
N ASN A 51 6.39 12.88 9.16
CA ASN A 51 6.59 13.76 8.02
C ASN A 51 8.06 14.04 7.74
N LYS A 52 8.96 13.65 8.64
CA LYS A 52 10.38 13.94 8.43
C LYS A 52 11.02 12.89 7.54
N PRO A 53 12.11 13.23 6.86
CA PRO A 53 12.79 12.24 6.00
C PRO A 53 13.59 11.25 6.82
N CYS A 54 13.53 9.98 6.40
CA CYS A 54 14.29 8.92 7.03
C CYS A 54 15.11 8.15 6.00
N GLY A 55 15.25 8.71 4.80
CA GLY A 55 15.93 8.05 3.71
C GLY A 55 15.55 8.69 2.39
N ASP A 56 16.36 8.42 1.38
CA ASP A 56 16.10 8.99 0.06
C ASP A 56 14.70 8.63 -0.40
N PHE A 57 13.86 9.64 -0.61
CA PHE A 57 12.46 9.45 -1.01
C PHE A 57 11.74 8.51 -0.04
N SER A 58 12.00 8.72 1.25
CA SER A 58 11.40 7.91 2.31
C SER A 58 11.13 8.81 3.51
N LYS A 59 9.92 8.74 4.04
CA LYS A 59 9.50 9.61 5.13
C LYS A 59 8.83 8.80 6.23
N CYS A 60 9.02 9.23 7.47
CA CYS A 60 8.27 8.65 8.58
C CYS A 60 6.78 8.96 8.39
N ILE A 61 5.96 7.90 8.44
CA ILE A 61 4.54 8.00 8.15
C ILE A 61 3.76 7.35 9.29
N LYS A 62 2.63 7.96 9.64
CA LYS A 62 1.76 7.38 10.65
C LYS A 62 0.86 6.33 10.00
N ILE A 63 0.78 5.16 10.63
CA ILE A 63 -0.14 4.10 10.21
C ILE A 63 -1.38 4.19 11.07
N ASP A 64 -2.52 4.48 10.46
CA ASP A 64 -3.78 4.63 11.19
C ASP A 64 -4.45 3.28 11.37
N GLY A 65 -3.76 2.41 12.11
CA GLY A 65 -4.30 1.13 12.52
C GLY A 65 -4.76 1.13 13.96
N ASN A 66 -5.01 -0.07 14.47
CA ASN A 66 -5.35 -0.27 15.88
C ASN A 66 -4.33 -1.20 16.50
N PRO A 67 -3.33 -0.70 17.23
CA PRO A 67 -3.05 0.70 17.57
C PRO A 67 -2.35 1.47 16.46
N VAL A 68 -2.38 2.80 16.53
CA VAL A 68 -1.62 3.61 15.60
C VAL A 68 -0.14 3.31 15.79
N SER A 69 0.60 3.27 14.68
CA SER A 69 2.03 3.01 14.71
C SER A 69 2.73 3.95 13.73
N TYR A 70 4.05 3.87 13.67
CA TYR A 70 4.85 4.73 12.83
C TYR A 70 5.92 3.90 12.13
N ALA A 71 6.21 4.24 10.88
CA ALA A 71 7.18 3.50 10.09
C ALA A 71 7.81 4.41 9.05
N CYS A 72 9.01 4.03 8.62
CA CYS A 72 9.71 4.72 7.54
C CYS A 72 9.30 4.06 6.23
N LYS A 73 8.48 4.74 5.44
CA LYS A 73 7.90 4.18 4.23
C LYS A 73 8.36 4.97 3.00
N CYS A 74 8.63 4.26 1.91
CA CYS A 74 9.00 4.90 0.66
C CYS A 74 7.85 5.76 0.15
N ASN A 75 8.19 6.81 -0.59
CA ASN A 75 7.19 7.69 -1.16
C ASN A 75 6.30 6.92 -2.15
N LEU A 76 5.13 7.49 -2.42
CA LEU A 76 4.18 6.83 -3.31
C LEU A 76 4.81 6.58 -4.68
N GLY A 77 4.64 5.38 -5.20
CA GLY A 77 5.26 4.98 -6.44
C GLY A 77 6.63 4.36 -6.31
N TYR A 78 7.10 4.14 -5.08
CA TYR A 78 8.41 3.54 -4.82
C TYR A 78 8.25 2.36 -3.88
N ASP A 79 9.27 1.51 -3.84
CA ASP A 79 9.31 0.38 -2.92
C ASP A 79 10.74 0.21 -2.43
N MET A 80 10.87 -0.30 -1.20
CA MET A 80 12.18 -0.50 -0.58
C MET A 80 12.76 -1.82 -1.08
N VAL A 81 13.84 -1.73 -1.85
CA VAL A 81 14.56 -2.90 -2.36
C VAL A 81 16.05 -2.67 -2.10
N ASN A 82 16.67 -3.57 -1.34
CA ASN A 82 18.06 -3.42 -0.93
C ASN A 82 18.24 -2.18 -0.04
N ASN A 83 17.24 -1.90 0.78
CA ASN A 83 17.28 -0.76 1.72
C ASN A 83 17.39 0.57 1.00
N VAL A 84 16.80 0.66 -0.19
CA VAL A 84 16.74 1.91 -0.95
C VAL A 84 15.43 1.94 -1.73
N CYS A 85 14.82 3.11 -1.80
CA CYS A 85 13.53 3.26 -2.49
C CYS A 85 13.77 3.37 -3.99
N ILE A 86 13.16 2.46 -4.75
CA ILE A 86 13.25 2.46 -6.20
C ILE A 86 11.82 2.43 -6.75
N PRO A 87 11.58 2.96 -7.95
CA PRO A 87 10.21 2.91 -8.49
C PRO A 87 9.72 1.47 -8.60
N ASN A 88 8.42 1.29 -8.36
CA ASN A 88 7.85 -0.04 -8.36
C ASN A 88 8.15 -0.79 -9.66
N GLU A 89 8.17 -0.06 -10.78
CA GLU A 89 8.39 -0.67 -12.08
C GLU A 89 9.84 -1.06 -12.34
N CYS A 90 10.76 -0.66 -11.47
CA CYS A 90 12.17 -1.03 -11.55
C CYS A 90 12.53 -2.17 -10.61
N LYS A 91 11.52 -2.82 -9.99
CA LYS A 91 11.81 -3.76 -8.92
C LYS A 91 12.70 -4.91 -9.40
N GLN A 92 12.43 -5.44 -10.58
CA GLN A 92 13.15 -6.57 -11.14
C GLN A 92 13.86 -6.18 -12.44
N VAL A 93 14.42 -4.98 -12.48
CA VAL A 93 15.16 -4.49 -13.64
C VAL A 93 16.64 -4.48 -13.27
N THR A 94 17.45 -5.19 -14.05
CA THR A 94 18.90 -5.22 -13.88
C THR A 94 19.51 -4.45 -15.05
N CYS A 95 20.10 -3.29 -14.76
CA CYS A 95 20.66 -2.44 -15.80
C CYS A 95 22.16 -2.59 -15.99
N GLY A 96 22.86 -3.18 -15.03
CA GLY A 96 24.30 -3.32 -15.14
C GLY A 96 25.04 -2.05 -14.81
N ASN A 97 25.81 -1.53 -15.78
CA ASN A 97 26.56 -0.28 -15.58
C ASN A 97 25.62 0.92 -15.70
N GLY A 98 24.65 0.94 -14.79
CA GLY A 98 23.65 1.98 -14.79
C GLY A 98 22.62 1.72 -13.70
N LYS A 99 21.53 2.47 -13.78
CA LYS A 99 20.43 2.31 -12.84
C LYS A 99 19.12 2.42 -13.59
N CYS A 100 18.07 1.83 -13.02
CA CYS A 100 16.75 1.86 -13.62
C CYS A 100 15.99 3.07 -13.13
N ILE A 101 15.33 3.76 -14.06
CA ILE A 101 14.53 4.95 -13.78
C ILE A 101 13.25 4.89 -14.59
N LEU A 102 12.31 5.76 -14.24
CA LEU A 102 11.04 5.82 -14.95
C LEU A 102 11.20 6.59 -16.25
N ASP A 103 10.75 6.00 -17.36
CA ASP A 103 10.86 6.62 -18.67
C ASP A 103 9.90 7.81 -18.75
N THR A 104 10.46 9.02 -18.83
CA THR A 104 9.64 10.22 -18.86
C THR A 104 8.89 10.38 -20.18
N SER A 105 9.30 9.67 -21.23
CA SER A 105 8.65 9.76 -22.52
C SER A 105 7.48 8.80 -22.70
N ASN A 106 7.24 7.93 -21.72
CA ASN A 106 6.16 6.96 -21.78
C ASN A 106 5.09 7.33 -20.78
N PRO A 107 3.87 7.68 -21.21
CA PRO A 107 2.87 8.16 -20.24
C PRO A 107 2.48 7.12 -19.20
N VAL A 108 2.69 5.83 -19.47
CA VAL A 108 2.48 4.80 -18.47
C VAL A 108 3.82 4.54 -17.78
N LYS A 109 3.82 4.55 -16.45
CA LYS A 109 5.04 4.37 -15.68
C LYS A 109 5.76 3.11 -16.14
N THR A 110 6.98 3.29 -16.66
CA THR A 110 7.76 2.20 -17.21
C THR A 110 9.22 2.37 -16.79
N GLY A 111 9.89 1.26 -16.52
CA GLY A 111 11.28 1.29 -16.12
C GLY A 111 12.20 1.19 -17.32
N VAL A 112 13.21 2.07 -17.36
CA VAL A 112 14.25 2.04 -18.39
C VAL A 112 15.59 2.24 -17.70
N CYS A 113 16.66 2.01 -18.44
CA CYS A 113 18.02 2.09 -17.90
C CYS A 113 18.65 3.43 -18.23
N SER A 114 19.25 4.05 -17.22
CA SER A 114 20.13 5.20 -17.41
C SER A 114 21.54 4.77 -17.03
N CYS A 115 22.51 5.06 -17.89
CA CYS A 115 23.79 4.38 -17.86
C CYS A 115 24.91 5.29 -17.38
N ASN A 116 25.97 4.66 -16.89
CA ASN A 116 27.20 5.39 -16.58
C ASN A 116 27.72 6.05 -17.84
N ILE A 117 28.42 7.19 -17.66
CA ILE A 117 28.94 7.92 -18.79
C ILE A 117 29.87 7.02 -19.59
N GLY A 118 29.72 7.04 -20.91
CA GLY A 118 30.41 6.12 -21.79
C GLY A 118 29.57 4.96 -22.25
N LYS A 119 28.43 4.71 -21.61
CA LYS A 119 27.54 3.61 -21.96
C LYS A 119 26.14 4.15 -22.26
N VAL A 120 25.38 3.37 -23.03
CA VAL A 120 24.00 3.70 -23.34
C VAL A 120 23.21 2.40 -23.44
N PRO A 121 21.88 2.44 -23.37
CA PRO A 121 21.11 1.19 -23.43
C PRO A 121 21.40 0.41 -24.71
N ASN A 122 21.43 -0.91 -24.57
CA ASN A 122 21.82 -1.81 -25.65
C ASN A 122 20.63 -2.71 -25.99
N VAL A 123 20.03 -2.49 -27.15
CA VAL A 123 18.88 -3.28 -27.57
C VAL A 123 19.28 -4.75 -27.71
N GLN A 124 20.52 -5.02 -28.09
CA GLN A 124 20.99 -6.39 -28.23
C GLN A 124 21.20 -7.10 -26.90
N ASP A 125 21.17 -6.35 -25.79
CA ASP A 125 21.45 -6.90 -24.46
C ASP A 125 20.31 -6.54 -23.51
N GLN A 126 19.08 -6.76 -23.96
CA GLN A 126 17.89 -6.52 -23.14
C GLN A 126 17.83 -5.07 -22.64
N ASN A 127 18.33 -4.15 -23.47
CA ASN A 127 18.31 -2.72 -23.14
C ASN A 127 19.13 -2.41 -21.88
N LYS A 128 20.16 -3.21 -21.63
CA LYS A 128 21.06 -2.98 -20.52
C LYS A 128 22.15 -1.98 -20.92
N CYS A 129 22.93 -1.57 -19.93
CA CYS A 129 23.93 -0.51 -20.12
C CYS A 129 25.27 -1.08 -20.56
N SER A 130 25.24 -1.76 -21.70
CA SER A 130 26.42 -2.46 -22.21
C SER A 130 26.78 -2.05 -23.64
N LYS A 131 26.29 -0.92 -24.11
CA LYS A 131 26.65 -0.39 -25.42
C LYS A 131 27.49 0.87 -25.23
N ASP A 132 28.69 0.87 -25.79
CA ASP A 132 29.54 2.06 -25.75
C ASP A 132 28.88 3.17 -26.55
N GLY A 133 28.72 4.34 -25.94
CA GLY A 133 28.11 5.47 -26.60
C GLY A 133 28.39 6.74 -25.83
N GLU A 134 28.53 7.84 -26.56
CA GLU A 134 28.84 9.12 -25.94
C GLU A 134 27.58 9.77 -25.39
N THR A 135 27.73 10.40 -24.22
CA THR A 135 26.72 11.28 -23.66
C THR A 135 27.40 12.63 -23.40
N LYS A 136 27.03 13.64 -24.19
CA LYS A 136 27.61 14.96 -23.97
C LYS A 136 27.08 15.56 -22.67
N CYS A 137 27.98 16.14 -21.90
CA CYS A 137 27.59 16.73 -20.62
C CYS A 137 26.69 17.93 -20.85
N SER A 138 25.55 17.95 -20.18
CA SER A 138 24.58 19.03 -20.30
C SER A 138 24.62 19.99 -19.12
N LEU A 139 25.45 19.72 -18.13
CA LEU A 139 25.49 20.57 -16.94
C LEU A 139 26.09 21.92 -17.27
N LYS A 140 25.52 22.97 -16.66
CA LYS A 140 26.03 24.34 -16.78
C LYS A 140 26.82 24.62 -15.51
N CYS A 141 28.12 24.31 -15.54
CA CYS A 141 29.00 24.48 -14.39
C CYS A 141 29.58 25.89 -14.45
N LEU A 142 28.90 26.83 -13.82
CA LEU A 142 29.24 28.24 -13.91
C LEU A 142 29.99 28.77 -12.71
N LYS A 143 30.28 27.94 -11.71
CA LYS A 143 30.96 28.39 -10.51
C LYS A 143 32.46 28.52 -10.75
N GLU A 144 33.13 29.19 -9.81
CA GLU A 144 34.53 29.56 -9.95
C GLU A 144 35.39 28.36 -10.34
N GLN A 145 36.04 28.46 -11.49
CA GLN A 145 37.04 27.48 -11.94
C GLN A 145 36.50 26.05 -11.86
N GLU A 146 35.26 25.88 -12.30
CA GLU A 146 34.63 24.56 -12.32
C GLU A 146 34.28 24.17 -13.75
N THR A 147 34.36 22.87 -14.03
CA THR A 147 34.02 22.31 -15.32
C THR A 147 33.34 20.97 -15.12
N CYS A 148 32.66 20.51 -16.16
CA CYS A 148 32.05 19.20 -16.11
C CYS A 148 33.12 18.12 -16.16
N LYS A 149 32.97 17.11 -15.30
CA LYS A 149 33.94 16.03 -15.19
C LYS A 149 33.21 14.72 -14.93
N ALA A 150 33.66 13.66 -15.59
CA ALA A 150 33.11 12.33 -15.37
C ALA A 150 33.82 11.69 -14.18
N VAL A 151 33.05 11.38 -13.14
CA VAL A 151 33.58 10.84 -11.89
C VAL A 151 32.70 9.67 -11.48
N ASP A 152 33.28 8.46 -11.48
CA ASP A 152 32.57 7.25 -11.07
C ASP A 152 31.28 7.07 -11.86
N GLY A 153 31.37 7.27 -13.18
CA GLY A 153 30.27 6.97 -14.07
C GLY A 153 29.20 8.05 -14.18
N ILE A 154 29.37 9.19 -13.51
CA ILE A 154 28.40 10.27 -13.59
C ILE A 154 29.11 11.57 -13.92
N TYR A 155 28.39 12.48 -14.56
CA TYR A 155 28.87 13.83 -14.81
C TYR A 155 28.59 14.70 -13.59
N LYS A 156 29.53 15.58 -13.27
CA LYS A 156 29.43 16.41 -12.08
C LYS A 156 30.30 17.65 -12.29
N CYS A 157 29.87 18.75 -11.69
CA CYS A 157 30.68 19.97 -11.69
C CYS A 157 31.76 19.84 -10.62
N ASP A 158 33.01 19.98 -11.02
CA ASP A 158 34.14 19.83 -10.12
C ASP A 158 35.21 20.84 -10.50
N CYS A 159 36.25 20.92 -9.68
CA CYS A 159 37.33 21.87 -9.93
C CYS A 159 38.10 21.49 -11.19
N LYS A 160 38.45 22.50 -11.99
CA LYS A 160 39.30 22.28 -13.14
C LYS A 160 40.64 21.70 -12.71
N ASP A 161 41.33 21.09 -13.66
CA ASP A 161 42.65 20.53 -13.38
C ASP A 161 43.60 21.64 -12.93
N GLY A 162 44.32 21.38 -11.84
CA GLY A 162 45.20 22.35 -11.24
C GLY A 162 44.60 23.11 -10.08
N PHE A 163 43.29 23.04 -9.88
CA PHE A 163 42.62 23.71 -8.77
C PHE A 163 42.11 22.67 -7.78
N ILE A 164 41.99 23.09 -6.52
CA ILE A 164 41.49 22.25 -5.45
C ILE A 164 40.48 23.04 -4.63
N ILE A 165 39.68 22.31 -3.85
CA ILE A 165 38.60 22.91 -3.07
C ILE A 165 39.23 23.60 -1.86
N ASP A 166 39.12 24.92 -1.79
CA ASP A 166 39.62 25.66 -0.64
C ASP A 166 38.94 25.15 0.63
N GLN A 167 39.74 24.89 1.66
CA GLN A 167 39.23 24.31 2.89
C GLN A 167 38.50 25.33 3.76
N GLU A 168 38.59 26.61 3.46
CA GLU A 168 37.86 27.64 4.20
C GLU A 168 36.55 28.02 3.53
N SER A 169 36.57 28.29 2.23
CA SER A 169 35.41 28.82 1.52
C SER A 169 34.72 27.79 0.63
N SER A 170 35.30 26.61 0.45
CA SER A 170 34.73 25.58 -0.42
C SER A 170 34.56 26.09 -1.85
N ILE A 171 35.54 26.86 -2.32
CA ILE A 171 35.62 27.25 -3.72
C ILE A 171 36.91 26.66 -4.29
N CYS A 172 36.94 26.52 -5.61
CA CYS A 172 38.10 25.96 -6.27
C CYS A 172 39.23 27.00 -6.31
N THR A 173 40.42 26.60 -5.84
CA THR A 173 41.56 27.49 -5.75
C THR A 173 42.81 26.76 -6.22
N GLY A 174 43.81 27.54 -6.63
CA GLY A 174 45.05 26.93 -7.11
C GLY A 174 45.74 26.14 -6.01
N THR A 175 46.23 24.96 -6.38
CA THR A 175 46.94 24.11 -5.43
C THR A 175 48.22 24.80 -4.97
N LYS A 176 48.35 24.97 -3.65
CA LYS A 176 49.52 25.59 -3.07
C LYS A 176 49.37 25.72 -1.56
N GLN B 3 -6.77 -1.73 -9.94
CA GLN B 3 -7.55 -2.95 -9.60
C GLN B 3 -6.64 -4.17 -9.42
N ILE B 4 -7.02 -5.03 -8.49
CA ILE B 4 -6.37 -6.32 -8.27
C ILE B 4 -7.47 -7.37 -8.31
N THR B 5 -7.34 -8.33 -9.21
CA THR B 5 -8.36 -9.37 -9.41
C THR B 5 -7.98 -10.61 -8.62
N LEU B 6 -8.94 -11.14 -7.86
CA LEU B 6 -8.75 -12.32 -7.04
C LEU B 6 -9.79 -13.35 -7.45
N LYS B 7 -9.34 -14.53 -7.85
CA LYS B 7 -10.22 -15.58 -8.36
C LYS B 7 -10.10 -16.80 -7.46
N GLU B 8 -11.18 -17.13 -6.76
CA GLU B 8 -11.21 -18.31 -5.92
C GLU B 8 -11.53 -19.54 -6.77
N SER B 9 -10.86 -20.64 -6.47
CA SER B 9 -11.14 -21.93 -7.10
C SER B 9 -11.01 -23.02 -6.05
N GLY B 10 -11.78 -24.09 -6.24
CA GLY B 10 -11.76 -25.20 -5.32
C GLY B 10 -13.07 -25.96 -5.29
N PRO B 11 -13.10 -27.07 -4.56
CA PRO B 11 -14.35 -27.84 -4.47
C PRO B 11 -15.44 -27.04 -3.77
N THR B 12 -16.68 -27.20 -4.25
CA THR B 12 -17.83 -26.52 -3.68
C THR B 12 -18.67 -27.41 -2.78
N LEU B 13 -18.59 -28.73 -2.94
CA LEU B 13 -19.30 -29.67 -2.07
C LEU B 13 -18.27 -30.48 -1.28
N VAL B 14 -18.42 -30.48 0.03
CA VAL B 14 -17.52 -31.19 0.94
C VAL B 14 -18.38 -32.05 1.87
N LYS B 15 -17.90 -33.22 2.18
CA LYS B 15 -18.64 -34.06 3.11
C LYS B 15 -18.06 -33.91 4.51
N PRO B 16 -18.87 -34.16 5.55
CA PRO B 16 -18.40 -33.89 6.91
C PRO B 16 -17.11 -34.62 7.23
N THR B 17 -16.27 -33.96 8.04
CA THR B 17 -14.98 -34.43 8.52
C THR B 17 -13.87 -34.28 7.47
N GLN B 18 -14.19 -33.90 6.23
CA GLN B 18 -13.16 -33.82 5.22
C GLN B 18 -12.44 -32.47 5.30
N THR B 19 -11.34 -32.38 4.56
CA THR B 19 -10.54 -31.16 4.48
C THR B 19 -10.94 -30.38 3.24
N LEU B 20 -11.10 -29.07 3.40
CA LEU B 20 -11.36 -28.16 2.29
C LEU B 20 -10.06 -27.49 1.89
N THR B 21 -9.78 -27.45 0.59
CA THR B 21 -8.60 -26.80 0.05
C THR B 21 -9.05 -25.81 -1.01
N LEU B 22 -9.00 -24.52 -0.68
CA LEU B 22 -9.33 -23.46 -1.60
C LEU B 22 -8.06 -22.80 -2.12
N THR B 23 -8.10 -22.36 -3.38
CA THR B 23 -6.98 -21.72 -4.03
C THR B 23 -7.41 -20.36 -4.56
N CYS B 24 -6.51 -19.39 -4.48
CA CYS B 24 -6.76 -18.03 -4.95
C CYS B 24 -5.65 -17.62 -5.89
N THR B 25 -6.03 -17.14 -7.07
CA THR B 25 -5.09 -16.69 -8.10
C THR B 25 -5.21 -15.18 -8.22
N PHE B 26 -4.13 -14.47 -7.93
CA PHE B 26 -4.13 -13.02 -7.91
C PHE B 26 -3.35 -12.47 -9.11
N SER B 27 -3.82 -11.34 -9.64
CA SER B 27 -3.22 -10.68 -10.79
C SER B 27 -3.19 -9.19 -10.53
N GLY B 28 -2.09 -8.54 -10.94
CA GLY B 28 -1.91 -7.13 -10.72
C GLY B 28 -0.93 -6.77 -9.62
N SER B 29 -0.41 -7.75 -8.89
CA SER B 29 0.59 -7.54 -7.84
C SER B 29 1.63 -8.65 -7.90
N SER B 30 2.89 -8.30 -7.60
CA SER B 30 3.96 -9.29 -7.60
C SER B 30 4.63 -9.47 -6.24
N LEU B 31 5.33 -8.45 -5.73
CA LEU B 31 6.01 -8.53 -4.44
C LEU B 31 6.00 -7.10 -3.88
N SER B 32 4.95 -6.79 -3.12
CA SER B 32 4.83 -5.50 -2.45
C SER B 32 4.78 -4.33 -3.45
N THR B 33 4.11 -4.55 -4.58
CA THR B 33 3.79 -3.44 -5.50
C THR B 33 2.38 -2.95 -5.14
N SER B 34 2.33 -2.11 -4.10
CA SER B 34 1.07 -1.60 -3.56
C SER B 34 0.25 -2.75 -2.94
N GLY B 35 0.89 -3.52 -2.06
CA GLY B 35 0.24 -4.62 -1.40
C GLY B 35 1.13 -5.25 -0.34
N VAL B 36 0.54 -5.87 0.67
CA VAL B 36 1.33 -6.48 1.73
C VAL B 36 0.93 -7.92 2.00
N GLY B 37 -0.26 -8.34 1.62
CA GLY B 37 -0.67 -9.70 1.88
C GLY B 37 -1.95 -10.08 1.16
N VAL B 38 -2.29 -11.35 1.30
CA VAL B 38 -3.49 -11.94 0.70
C VAL B 38 -4.07 -12.91 1.72
N GLY B 39 -5.39 -12.84 1.91
CA GLY B 39 -6.02 -13.64 2.94
C GLY B 39 -7.36 -14.23 2.55
N TRP B 40 -8.09 -14.74 3.55
CA TRP B 40 -9.38 -15.38 3.31
C TRP B 40 -10.38 -14.93 4.36
N ILE B 41 -11.60 -14.62 3.91
CA ILE B 41 -12.71 -14.27 4.78
C ILE B 41 -13.94 -15.02 4.27
N ARG B 42 -14.71 -15.59 5.21
CA ARG B 42 -15.88 -16.38 4.86
C ARG B 42 -17.13 -15.77 5.48
N GLN B 43 -18.28 -16.16 4.93
CA GLN B 43 -19.56 -15.66 5.39
C GLN B 43 -20.65 -16.72 5.26
N PRO B 44 -21.12 -17.29 6.36
CA PRO B 44 -22.30 -18.16 6.28
C PRO B 44 -23.48 -17.40 5.72
N PRO B 45 -24.33 -18.04 4.90
CA PRO B 45 -25.42 -17.29 4.24
C PRO B 45 -26.25 -16.47 5.21
N GLY B 46 -26.31 -15.16 4.97
CA GLY B 46 -27.12 -14.29 5.79
C GLY B 46 -26.56 -14.03 7.18
N LYS B 47 -25.26 -14.26 7.38
CA LYS B 47 -24.66 -14.07 8.69
C LYS B 47 -23.42 -13.19 8.61
N ALA B 48 -22.67 -13.09 9.70
CA ALA B 48 -21.57 -12.14 9.80
C ALA B 48 -20.31 -12.67 9.14
N LEU B 49 -19.50 -11.74 8.63
CA LEU B 49 -18.21 -12.09 8.07
C LEU B 49 -17.28 -12.63 9.16
N GLU B 50 -16.38 -13.52 8.75
CA GLU B 50 -15.42 -14.11 9.68
C GLU B 50 -14.06 -14.19 8.99
N TRP B 51 -13.07 -13.51 9.55
CA TRP B 51 -11.72 -13.59 9.02
C TRP B 51 -11.07 -14.91 9.39
N LEU B 52 -10.33 -15.49 8.46
CA LEU B 52 -9.75 -16.81 8.64
C LEU B 52 -8.22 -16.79 8.72
N ALA B 53 -7.56 -16.25 7.70
CA ALA B 53 -6.11 -16.36 7.64
C ALA B 53 -5.54 -15.26 6.75
N LEU B 54 -4.23 -15.06 6.88
CA LEU B 54 -3.52 -14.07 6.09
C LEU B 54 -2.08 -14.52 5.93
N ILE B 55 -1.53 -14.35 4.73
CA ILE B 55 -0.13 -14.64 4.46
C ILE B 55 0.50 -13.41 3.83
N TYR B 56 1.61 -12.96 4.40
CA TYR B 56 2.31 -11.77 3.94
C TYR B 56 3.36 -12.14 2.91
N TRP B 57 3.84 -11.12 2.17
CA TRP B 57 4.85 -11.38 1.16
C TRP B 57 6.22 -11.67 1.76
N ASN B 58 6.43 -11.41 3.04
CA ASN B 58 7.60 -11.92 3.74
C ASN B 58 7.37 -13.31 4.31
N ASP B 59 6.37 -14.03 3.80
CA ASP B 59 6.05 -15.40 4.19
C ASP B 59 5.59 -15.51 5.64
N ASP B 60 5.19 -14.40 6.24
CA ASP B 60 4.58 -14.44 7.57
C ASP B 60 3.11 -14.84 7.45
N LYS B 61 2.60 -15.46 8.51
CA LYS B 61 1.25 -16.01 8.50
C LYS B 61 0.49 -15.59 9.76
N ARG B 62 -0.82 -15.37 9.60
CA ARG B 62 -1.72 -15.10 10.71
C ARG B 62 -2.97 -15.94 10.54
N TYR B 63 -3.52 -16.42 11.65
CA TYR B 63 -4.70 -17.27 11.63
C TYR B 63 -5.74 -16.78 12.64
N SER B 64 -6.99 -17.09 12.35
CA SER B 64 -8.06 -16.78 13.29
C SER B 64 -7.77 -17.45 14.63
N PRO B 65 -7.83 -16.71 15.75
CA PRO B 65 -7.51 -17.33 17.04
C PRO B 65 -8.37 -18.54 17.37
N SER B 66 -9.65 -18.54 16.98
CA SER B 66 -10.54 -19.63 17.34
C SER B 66 -10.51 -20.79 16.35
N LEU B 67 -10.03 -20.56 15.12
CA LEU B 67 -9.97 -21.61 14.11
C LEU B 67 -8.54 -22.00 13.76
N LYS B 68 -7.56 -21.58 14.57
CA LYS B 68 -6.16 -21.77 14.20
C LYS B 68 -5.81 -23.24 14.04
N ARG B 69 -6.29 -24.09 14.94
CA ARG B 69 -5.93 -25.50 14.89
C ARG B 69 -6.40 -26.16 13.60
N ARG B 70 -7.31 -25.54 12.86
CA ARG B 70 -7.86 -26.14 11.65
C ARG B 70 -7.35 -25.51 10.36
N LEU B 71 -6.55 -24.45 10.43
CA LEU B 71 -6.24 -23.65 9.25
C LEU B 71 -4.76 -23.74 8.90
N THR B 72 -4.49 -23.82 7.59
CA THR B 72 -3.14 -23.71 7.06
C THR B 72 -3.22 -22.87 5.79
N ILE B 73 -2.27 -21.94 5.63
CA ILE B 73 -2.23 -21.08 4.46
C ILE B 73 -0.82 -21.10 3.89
N THR B 74 -0.72 -21.20 2.57
CA THR B 74 0.55 -21.24 1.86
C THR B 74 0.43 -20.40 0.60
N LYS B 75 1.58 -20.12 -0.02
CA LYS B 75 1.61 -19.34 -1.24
C LYS B 75 2.70 -19.85 -2.16
N ASP B 76 2.41 -19.83 -3.46
CA ASP B 76 3.37 -20.18 -4.51
C ASP B 76 3.44 -18.97 -5.44
N THR B 77 4.39 -18.07 -5.14
CA THR B 77 4.47 -16.82 -5.89
C THR B 77 4.78 -17.05 -7.36
N SER B 78 5.47 -18.15 -7.69
CA SER B 78 5.77 -18.43 -9.08
C SER B 78 4.51 -18.64 -9.90
N LYS B 79 3.43 -19.11 -9.26
CA LYS B 79 2.16 -19.32 -9.92
C LYS B 79 1.10 -18.32 -9.50
N ASN B 80 1.45 -17.33 -8.69
CA ASN B 80 0.53 -16.28 -8.25
C ASN B 80 -0.67 -16.88 -7.51
N GLN B 81 -0.38 -17.80 -6.59
CA GLN B 81 -1.43 -18.51 -5.87
C GLN B 81 -1.17 -18.54 -4.38
N VAL B 82 -2.23 -18.39 -3.60
CA VAL B 82 -2.24 -18.71 -2.18
C VAL B 82 -3.29 -19.79 -1.98
N VAL B 83 -3.02 -20.69 -1.03
CA VAL B 83 -3.86 -21.86 -0.81
C VAL B 83 -4.24 -21.92 0.66
N LEU B 84 -5.54 -21.99 0.94
CA LEU B 84 -6.07 -22.20 2.28
C LEU B 84 -6.47 -23.65 2.44
N THR B 85 -6.17 -24.22 3.61
CA THR B 85 -6.54 -25.60 3.93
C THR B 85 -7.24 -25.59 5.28
N MET B 86 -8.49 -26.08 5.31
CA MET B 86 -9.31 -26.11 6.52
C MET B 86 -9.75 -27.55 6.77
N THR B 87 -9.39 -28.07 7.95
CA THR B 87 -9.65 -29.47 8.27
C THR B 87 -10.97 -29.62 9.03
N ASN B 88 -11.43 -30.88 9.07
CA ASN B 88 -12.58 -31.27 9.89
C ASN B 88 -13.78 -30.36 9.64
N MET B 89 -14.21 -30.34 8.38
CA MET B 89 -15.31 -29.48 7.98
C MET B 89 -16.63 -29.98 8.55
N ASP B 90 -17.52 -29.05 8.87
CA ASP B 90 -18.79 -29.27 9.52
C ASP B 90 -19.87 -28.50 8.79
N PRO B 91 -21.13 -28.94 8.87
CA PRO B 91 -22.20 -28.20 8.19
C PRO B 91 -22.24 -26.71 8.51
N VAL B 92 -21.90 -26.31 9.73
CA VAL B 92 -21.88 -24.89 10.06
C VAL B 92 -20.83 -24.15 9.26
N ASP B 93 -19.82 -24.85 8.74
CA ASP B 93 -18.81 -24.22 7.88
C ASP B 93 -19.33 -23.93 6.48
N THR B 94 -20.59 -24.25 6.18
CA THR B 94 -21.17 -23.85 4.91
C THR B 94 -21.16 -22.34 4.80
N ALA B 95 -20.45 -21.82 3.80
CA ALA B 95 -20.28 -20.38 3.67
C ALA B 95 -19.72 -20.04 2.31
N THR B 96 -19.88 -18.79 1.92
CA THR B 96 -19.13 -18.23 0.80
C THR B 96 -17.75 -17.81 1.29
N TYR B 97 -16.71 -18.29 0.62
CA TYR B 97 -15.32 -18.02 1.02
C TYR B 97 -14.72 -17.01 0.06
N TYR B 98 -14.25 -15.89 0.61
CA TYR B 98 -13.74 -14.77 -0.18
C TYR B 98 -12.23 -14.71 -0.05
N CYS B 99 -11.53 -14.73 -1.18
CA CYS B 99 -10.14 -14.33 -1.21
C CYS B 99 -10.04 -12.82 -1.15
N VAL B 100 -9.14 -12.30 -0.32
CA VAL B 100 -9.02 -10.87 -0.13
C VAL B 100 -7.56 -10.46 -0.21
N HIS B 101 -7.34 -9.23 -0.65
CA HIS B 101 -6.02 -8.61 -0.72
C HIS B 101 -5.94 -7.54 0.36
N ARG B 102 -4.84 -7.56 1.13
CA ARG B 102 -4.59 -6.55 2.15
C ARG B 102 -3.52 -5.62 1.61
N GLY B 103 -3.91 -4.38 1.30
CA GLY B 103 -2.99 -3.38 0.80
C GLY B 103 -2.97 -2.14 1.66
N SER B 104 -2.29 -1.10 1.19
CA SER B 104 -2.14 0.14 1.94
C SER B 104 -2.93 1.25 1.25
N ALA B 105 -3.60 2.07 2.07
CA ALA B 105 -4.36 3.18 1.53
C ALA B 105 -3.41 4.17 0.85
N PRO B 106 -3.84 4.83 -0.23
CA PRO B 106 -3.02 5.90 -0.79
C PRO B 106 -2.72 6.95 0.25
N TYR B 107 -1.48 7.44 0.24
CA TYR B 107 -1.04 8.36 1.28
C TYR B 107 -1.93 9.60 1.31
N TYR B 108 -2.23 10.06 2.51
CA TYR B 108 -3.11 11.20 2.73
C TYR B 108 -2.61 11.99 3.92
N TYR B 109 -3.11 13.21 4.06
CA TYR B 109 -2.85 14.06 5.22
C TYR B 109 -4.12 14.14 6.06
N ASP B 110 -3.97 13.88 7.36
CA ASP B 110 -5.11 13.78 8.27
C ASP B 110 -5.40 15.14 8.88
N SER B 111 -6.20 15.16 9.95
CA SER B 111 -6.61 16.42 10.57
C SER B 111 -5.41 17.29 10.93
N SER B 112 -4.44 16.71 11.64
CA SER B 112 -3.29 17.45 12.15
C SER B 112 -2.23 17.70 11.08
N GLY B 113 -2.50 17.36 9.83
CA GLY B 113 -1.50 17.48 8.79
C GLY B 113 -0.45 16.41 8.81
N TYR B 114 -0.75 15.24 9.36
CA TYR B 114 0.21 14.16 9.50
C TYR B 114 0.12 13.22 8.30
N TYR B 115 1.20 13.15 7.53
CA TYR B 115 1.41 12.13 6.51
C TYR B 115 1.04 10.76 7.05
N SER B 116 0.05 10.12 6.44
CA SER B 116 -0.53 8.93 7.03
C SER B 116 -1.00 7.95 5.96
N THR B 117 -1.10 6.68 6.38
CA THR B 117 -1.68 5.61 5.58
C THR B 117 -2.25 4.58 6.53
N PHE B 118 -2.75 3.47 5.98
CA PHE B 118 -3.20 2.34 6.79
C PHE B 118 -3.37 1.14 5.88
N TYR B 119 -3.46 -0.04 6.49
CA TYR B 119 -3.63 -1.29 5.77
C TYR B 119 -5.06 -1.79 5.95
N TYR B 120 -5.65 -2.26 4.85
CA TYR B 120 -7.05 -2.69 4.86
C TYR B 120 -7.26 -3.70 3.74
N PHE B 121 -8.41 -4.38 3.81
CA PHE B 121 -8.81 -5.34 2.78
C PHE B 121 -9.44 -4.56 1.64
N ASP B 122 -8.61 -4.14 0.68
CA ASP B 122 -9.01 -3.18 -0.32
C ASP B 122 -9.62 -3.81 -1.57
N TYR B 123 -9.42 -5.11 -1.78
CA TYR B 123 -9.94 -5.78 -2.96
C TYR B 123 -10.43 -7.16 -2.58
N TRP B 124 -11.64 -7.51 -3.02
CA TRP B 124 -12.30 -8.75 -2.68
C TRP B 124 -12.61 -9.56 -3.92
N GLY B 125 -12.37 -10.85 -3.86
CA GLY B 125 -12.87 -11.74 -4.89
C GLY B 125 -14.37 -11.95 -4.78
N GLN B 126 -14.98 -12.41 -5.87
CA GLN B 126 -16.41 -12.68 -5.86
C GLN B 126 -16.78 -13.80 -4.91
N GLY B 127 -15.83 -14.65 -4.55
CA GLY B 127 -16.05 -15.69 -3.57
C GLY B 127 -16.67 -16.94 -4.17
N THR B 128 -16.56 -18.04 -3.42
CA THR B 128 -17.13 -19.32 -3.82
C THR B 128 -17.92 -19.88 -2.66
N LEU B 129 -19.12 -20.38 -2.95
CA LEU B 129 -19.97 -20.97 -1.91
C LEU B 129 -19.59 -22.43 -1.72
N VAL B 130 -19.11 -22.76 -0.53
CA VAL B 130 -18.75 -24.13 -0.18
C VAL B 130 -19.85 -24.69 0.71
N THR B 131 -20.44 -25.79 0.29
CA THR B 131 -21.50 -26.45 1.04
C THR B 131 -20.95 -27.72 1.66
N VAL B 132 -21.10 -27.84 2.98
CA VAL B 132 -20.71 -29.05 3.69
C VAL B 132 -21.95 -29.91 3.87
N SER B 133 -22.04 -30.99 3.09
CA SER B 133 -23.13 -31.94 3.15
C SER B 133 -23.35 -32.48 4.55
N SER B 134 -24.52 -33.07 4.79
CA SER B 134 -24.77 -33.83 6.01
C SER B 134 -24.37 -35.29 5.76
N GLY B 135 -23.93 -35.97 6.82
CA GLY B 135 -23.34 -37.28 6.70
C GLY B 135 -22.52 -37.64 7.92
N GLY B 152 -13.61 -16.12 23.28
CA GLY B 152 -12.82 -15.00 22.78
C GLY B 152 -12.93 -13.77 23.66
N GLY B 153 -12.07 -13.68 24.67
CA GLY B 153 -12.15 -12.62 25.65
C GLY B 153 -11.23 -11.44 25.33
N SER B 154 -11.53 -10.31 25.96
CA SER B 154 -10.80 -9.05 25.80
C SER B 154 -10.46 -8.79 24.33
N GLN B 155 -11.51 -8.66 23.54
CA GLN B 155 -11.44 -8.25 22.14
C GLN B 155 -12.56 -7.27 21.88
N PRO B 156 -12.42 -6.44 20.83
CA PRO B 156 -13.52 -5.54 20.48
C PRO B 156 -14.76 -6.32 20.06
N VAL B 157 -15.92 -5.73 20.33
CA VAL B 157 -17.21 -6.28 19.92
C VAL B 157 -17.95 -5.18 19.17
N LEU B 158 -18.30 -5.45 17.92
CA LEU B 158 -18.99 -4.49 17.07
C LEU B 158 -20.47 -4.83 17.02
N THR B 159 -21.31 -3.87 17.39
CA THR B 159 -22.75 -4.04 17.44
C THR B 159 -23.39 -3.25 16.30
N GLN B 160 -24.11 -3.97 15.43
CA GLN B 160 -24.85 -3.36 14.35
C GLN B 160 -26.33 -3.72 14.48
N PRO B 161 -27.25 -2.80 14.19
CA PRO B 161 -28.67 -3.16 14.16
C PRO B 161 -28.93 -4.21 13.09
N PRO B 162 -29.80 -5.19 13.36
CA PRO B 162 -29.99 -6.26 12.38
C PRO B 162 -30.45 -5.78 11.01
N SER B 163 -31.29 -4.75 10.94
CA SER B 163 -31.87 -4.36 9.66
C SER B 163 -32.21 -2.88 9.66
N ALA B 164 -32.35 -2.32 8.46
CA ALA B 164 -32.77 -0.94 8.28
C ALA B 164 -33.55 -0.83 6.97
N SER B 165 -34.24 0.31 6.82
CA SER B 165 -35.09 0.54 5.66
C SER B 165 -35.10 2.03 5.36
N ALA B 166 -35.28 2.35 4.09
CA ALA B 166 -35.32 3.75 3.66
C ALA B 166 -36.06 3.83 2.34
N SER B 167 -36.61 5.02 2.07
CA SER B 167 -37.29 5.27 0.82
C SER B 167 -36.30 5.79 -0.22
N LEU B 168 -36.70 5.73 -1.48
CA LEU B 168 -35.87 6.26 -2.56
C LEU B 168 -35.70 7.76 -2.38
N GLY B 169 -34.46 8.22 -2.45
CA GLY B 169 -34.15 9.63 -2.30
C GLY B 169 -34.03 10.13 -0.88
N ALA B 170 -34.17 9.24 0.11
CA ALA B 170 -34.05 9.64 1.50
C ALA B 170 -32.58 9.58 1.94
N SER B 171 -32.34 9.91 3.21
CA SER B 171 -31.02 9.83 3.81
C SER B 171 -31.09 8.96 5.05
N LEU B 172 -29.98 8.28 5.34
CA LEU B 172 -29.97 7.27 6.39
C LEU B 172 -28.57 7.15 6.97
N SER B 173 -28.50 6.84 8.25
CA SER B 173 -27.24 6.63 8.95
C SER B 173 -27.25 5.24 9.58
N LEU B 174 -26.37 4.36 9.09
CA LEU B 174 -26.14 3.06 9.70
C LEU B 174 -25.10 3.20 10.79
N THR B 175 -25.34 2.54 11.92
CA THR B 175 -24.49 2.68 13.10
C THR B 175 -23.74 1.39 13.39
N CYS B 176 -22.53 1.55 13.93
CA CYS B 176 -21.66 0.45 14.33
C CYS B 176 -20.98 0.89 15.62
N THR B 177 -21.34 0.29 16.74
CA THR B 177 -20.90 0.72 18.05
C THR B 177 -19.81 -0.20 18.58
N LEU B 178 -18.75 0.40 19.11
CA LEU B 178 -17.64 -0.33 19.71
C LEU B 178 -17.94 -0.63 21.17
N SER B 179 -17.33 -1.71 21.66
CA SER B 179 -17.47 -2.07 23.06
C SER B 179 -16.56 -1.20 23.93
N SER B 180 -16.77 -1.27 25.24
CA SER B 180 -16.06 -0.40 26.16
C SER B 180 -14.56 -0.60 26.06
N GLY B 181 -13.82 0.50 26.19
CA GLY B 181 -12.38 0.48 26.16
C GLY B 181 -11.76 0.51 24.78
N TYR B 182 -12.56 0.65 23.73
CA TYR B 182 -12.09 0.63 22.35
C TYR B 182 -12.50 1.90 21.62
N ASN B 183 -12.47 3.03 22.34
CA ASN B 183 -12.94 4.31 21.80
C ASN B 183 -11.96 4.93 20.81
N ASN B 184 -10.74 4.43 20.72
CA ASN B 184 -9.75 4.92 19.77
C ASN B 184 -9.68 4.08 18.50
N TYR B 185 -10.40 2.97 18.44
CA TYR B 185 -10.29 2.03 17.34
C TYR B 185 -11.04 2.51 16.10
N LYS B 186 -10.41 2.36 14.94
CA LYS B 186 -11.05 2.66 13.66
C LYS B 186 -11.69 1.40 13.10
N VAL B 187 -12.83 1.57 12.44
CA VAL B 187 -13.55 0.47 11.83
C VAL B 187 -13.68 0.73 10.33
N ASP B 188 -13.81 -0.35 9.57
CA ASP B 188 -14.01 -0.29 8.13
C ASP B 188 -15.44 -0.71 7.79
N TRP B 189 -16.03 -0.03 6.82
CA TRP B 189 -17.35 -0.37 6.32
C TRP B 189 -17.25 -1.09 4.99
N TYR B 190 -18.05 -2.14 4.83
CA TYR B 190 -18.07 -2.95 3.62
C TYR B 190 -19.50 -3.04 3.09
N GLN B 191 -19.65 -2.93 1.78
CA GLN B 191 -20.94 -2.93 1.12
C GLN B 191 -21.06 -4.20 0.28
N GLN B 192 -22.06 -5.02 0.57
CA GLN B 192 -22.28 -6.28 -0.12
C GLN B 192 -23.64 -6.23 -0.80
N ARG B 193 -23.66 -5.73 -2.03
CA ARG B 193 -24.84 -5.80 -2.86
C ARG B 193 -25.30 -7.25 -2.97
N PRO B 194 -26.62 -7.51 -2.98
CA PRO B 194 -27.07 -8.91 -2.92
C PRO B 194 -26.62 -9.70 -4.14
N GLY B 195 -26.25 -10.96 -3.91
CA GLY B 195 -25.70 -11.81 -4.94
C GLY B 195 -24.26 -11.53 -5.29
N LYS B 196 -23.68 -10.47 -4.75
CA LYS B 196 -22.30 -10.09 -4.98
C LYS B 196 -21.53 -10.11 -3.66
N GLY B 197 -20.21 -10.05 -3.77
CA GLY B 197 -19.35 -10.09 -2.60
C GLY B 197 -19.12 -8.71 -2.00
N PRO B 198 -18.57 -8.66 -0.80
CA PRO B 198 -18.31 -7.37 -0.16
C PRO B 198 -17.28 -6.55 -0.90
N ARG B 199 -17.35 -5.23 -0.71
CA ARG B 199 -16.34 -4.32 -1.21
C ARG B 199 -16.11 -3.22 -0.18
N PHE B 200 -14.85 -2.79 -0.07
CA PHE B 200 -14.52 -1.76 0.90
C PHE B 200 -15.21 -0.45 0.56
N VAL B 201 -15.76 0.21 1.56
CA VAL B 201 -16.42 1.51 1.40
C VAL B 201 -15.58 2.63 1.99
N MET B 202 -15.36 2.61 3.30
CA MET B 202 -14.67 3.70 3.98
C MET B 202 -14.20 3.24 5.35
N ARG B 203 -13.13 3.88 5.83
CA ARG B 203 -12.66 3.71 7.20
C ARG B 203 -12.99 4.97 7.99
N VAL B 204 -13.40 4.79 9.25
CA VAL B 204 -13.80 5.89 10.10
C VAL B 204 -13.35 5.61 11.53
N GLY B 205 -12.84 6.64 12.20
CA GLY B 205 -12.46 6.54 13.59
C GLY B 205 -13.25 7.50 14.46
N THR B 206 -12.55 8.25 15.31
CA THR B 206 -13.22 9.20 16.21
C THR B 206 -13.58 10.51 15.53
N GLY B 207 -13.06 10.77 14.33
CA GLY B 207 -13.38 11.98 13.60
C GLY B 207 -14.17 11.68 12.34
N GLY B 208 -13.66 12.12 11.20
CA GLY B 208 -14.28 11.92 9.91
C GLY B 208 -13.67 10.76 9.15
N ILE B 209 -13.76 10.85 7.82
CA ILE B 209 -13.24 9.78 6.96
C ILE B 209 -11.73 9.66 7.15
N VAL B 210 -11.26 8.43 7.31
CA VAL B 210 -9.83 8.13 7.40
C VAL B 210 -9.38 7.74 6.00
N GLY B 211 -8.56 8.58 5.37
CA GLY B 211 -8.14 8.32 4.01
C GLY B 211 -9.21 8.65 2.99
N SER B 212 -9.36 7.82 1.97
CA SER B 212 -10.34 8.03 0.91
C SER B 212 -11.23 6.80 0.76
N LYS B 213 -12.35 6.99 0.07
CA LYS B 213 -13.31 5.92 -0.13
C LYS B 213 -12.83 4.96 -1.21
N GLY B 214 -13.32 3.72 -1.13
CA GLY B 214 -12.90 2.71 -2.09
C GLY B 214 -13.37 3.00 -3.50
N ASP B 215 -12.76 2.28 -4.44
CA ASP B 215 -13.11 2.44 -5.84
C ASP B 215 -14.56 2.01 -6.08
N GLY B 216 -15.25 2.75 -6.94
CA GLY B 216 -16.64 2.47 -7.23
C GLY B 216 -17.62 2.94 -6.19
N ILE B 217 -17.14 3.50 -5.07
CA ILE B 217 -18.01 4.02 -4.03
C ILE B 217 -18.46 5.42 -4.45
N PRO B 218 -19.77 5.67 -4.57
CA PRO B 218 -20.22 7.00 -5.01
C PRO B 218 -20.09 8.03 -3.90
N ASP B 219 -20.14 9.30 -4.31
CA ASP B 219 -19.99 10.42 -3.39
C ASP B 219 -21.15 10.52 -2.41
N ARG B 220 -22.22 9.75 -2.60
CA ARG B 220 -23.37 9.79 -1.70
C ARG B 220 -23.10 9.13 -0.36
N PHE B 221 -21.91 8.59 -0.14
CA PHE B 221 -21.56 7.93 1.11
C PHE B 221 -20.59 8.79 1.91
N SER B 222 -20.76 8.79 3.22
CA SER B 222 -19.86 9.51 4.11
C SER B 222 -19.91 8.84 5.49
N VAL B 223 -18.90 9.13 6.30
CA VAL B 223 -18.75 8.50 7.60
C VAL B 223 -18.41 9.55 8.65
N LEU B 224 -18.90 9.34 9.86
CA LEU B 224 -18.61 10.22 10.99
C LEU B 224 -18.65 9.38 12.26
N GLY B 225 -17.64 9.56 13.11
CA GLY B 225 -17.54 8.81 14.35
C GLY B 225 -17.38 9.72 15.54
N SER B 226 -17.92 9.27 16.67
CA SER B 226 -17.80 10.01 17.92
C SER B 226 -17.92 9.03 19.07
N GLY B 227 -17.02 9.13 20.04
CA GLY B 227 -17.02 8.18 21.14
C GLY B 227 -16.83 6.77 20.60
N LEU B 228 -17.78 5.89 20.94
CA LEU B 228 -17.77 4.51 20.47
C LEU B 228 -18.60 4.30 19.21
N ASN B 229 -19.18 5.36 18.65
CA ASN B 229 -20.08 5.25 17.51
C ASN B 229 -19.33 5.49 16.21
N ARG B 230 -19.59 4.64 15.23
CA ARG B 230 -18.99 4.73 13.89
C ARG B 230 -20.14 4.63 12.89
N ASN B 231 -20.53 5.76 12.33
CA ASN B 231 -21.70 5.84 11.46
C ASN B 231 -21.30 5.83 9.99
N LEU B 232 -22.10 5.14 9.17
CA LEU B 232 -22.04 5.23 7.73
C LEU B 232 -23.36 5.85 7.26
N THR B 233 -23.28 6.99 6.58
CA THR B 233 -24.46 7.70 6.10
C THR B 233 -24.57 7.51 4.59
N ILE B 234 -25.77 7.17 4.14
CA ILE B 234 -26.08 7.05 2.71
C ILE B 234 -27.14 8.11 2.41
N LYS B 235 -26.86 8.96 1.43
CA LYS B 235 -27.72 10.07 1.08
C LYS B 235 -28.25 9.88 -0.33
N ASN B 236 -29.45 10.41 -0.58
CA ASN B 236 -30.12 10.24 -1.87
C ASN B 236 -30.17 8.76 -2.25
N ILE B 237 -30.83 7.99 -1.37
CA ILE B 237 -30.76 6.53 -1.45
C ILE B 237 -31.42 6.07 -2.75
N GLN B 238 -30.62 5.40 -3.59
CA GLN B 238 -31.11 4.82 -4.84
C GLN B 238 -31.31 3.32 -4.65
N GLU B 239 -31.74 2.66 -5.73
CA GLU B 239 -32.08 1.24 -5.64
C GLU B 239 -30.86 0.38 -5.31
N ASP B 240 -29.67 0.78 -5.77
CA ASP B 240 -28.49 -0.05 -5.62
C ASP B 240 -27.86 0.03 -4.23
N ASP B 241 -28.43 0.84 -3.33
CA ASP B 241 -27.99 0.85 -1.95
C ASP B 241 -28.58 -0.30 -1.13
N GLU B 242 -29.61 -0.98 -1.66
CA GLU B 242 -30.15 -2.17 -1.01
C GLU B 242 -29.06 -3.23 -0.96
N SER B 243 -28.56 -3.53 0.23
CA SER B 243 -27.43 -4.44 0.38
C SER B 243 -27.18 -4.64 1.87
N ASP B 244 -26.27 -5.56 2.17
CA ASP B 244 -25.78 -5.76 3.52
C ASP B 244 -24.58 -4.84 3.75
N TYR B 245 -24.58 -4.14 4.88
CA TYR B 245 -23.49 -3.25 5.25
C TYR B 245 -22.82 -3.78 6.49
N HIS B 246 -21.54 -4.15 6.37
CA HIS B 246 -20.78 -4.76 7.43
C HIS B 246 -19.69 -3.81 7.91
N CYS B 247 -19.47 -3.78 9.23
CA CYS B 247 -18.36 -3.04 9.80
C CYS B 247 -17.39 -4.01 10.45
N GLY B 248 -16.09 -3.77 10.23
CA GLY B 248 -15.06 -4.59 10.81
C GLY B 248 -13.98 -3.72 11.46
N ALA B 249 -13.14 -4.38 12.26
CA ALA B 249 -12.08 -3.70 12.98
C ALA B 249 -10.84 -4.58 13.01
N ASP B 250 -9.72 -4.04 12.55
CA ASP B 250 -8.45 -4.77 12.52
C ASP B 250 -7.69 -4.49 13.81
N HIS B 251 -7.22 -5.56 14.46
CA HIS B 251 -6.43 -5.46 15.68
C HIS B 251 -4.99 -5.82 15.34
N GLY B 252 -4.14 -4.80 15.20
CA GLY B 252 -2.72 -5.02 14.99
C GLY B 252 -1.95 -3.74 14.71
N SER B 253 -0.67 -3.72 15.10
CA SER B 253 0.17 -2.53 14.97
C SER B 253 0.94 -2.60 13.65
N GLY B 254 0.45 -1.87 12.65
CA GLY B 254 1.17 -1.72 11.39
C GLY B 254 0.62 -2.60 10.29
N SER B 255 1.51 -3.19 9.48
CA SER B 255 1.11 -4.29 8.62
C SER B 255 0.51 -5.42 9.47
N ASN B 256 1.06 -5.61 10.68
CA ASN B 256 0.66 -6.68 11.58
C ASN B 256 -0.86 -6.75 11.72
N LEU B 257 -1.35 -7.98 11.93
CA LEU B 257 -2.80 -8.22 12.05
C LEU B 257 -2.97 -9.42 12.99
N ASP B 258 -3.18 -9.13 14.28
CA ASP B 258 -3.45 -10.20 15.23
C ASP B 258 -4.71 -10.95 14.86
N TYR B 259 -5.84 -10.24 14.76
CA TYR B 259 -7.10 -10.83 14.34
C TYR B 259 -8.01 -9.71 13.87
N VAL B 260 -9.19 -10.09 13.35
CA VAL B 260 -10.15 -9.15 12.79
C VAL B 260 -11.52 -9.46 13.36
N VAL B 261 -12.23 -8.42 13.80
CA VAL B 261 -13.58 -8.54 14.33
C VAL B 261 -14.55 -7.98 13.30
N PHE B 262 -15.77 -8.52 13.29
CA PHE B 262 -16.82 -8.04 12.41
C PHE B 262 -18.12 -7.92 13.19
N GLY B 263 -18.97 -7.00 12.74
CA GLY B 263 -20.31 -6.90 13.30
C GLY B 263 -21.26 -7.89 12.65
N GLY B 264 -22.48 -7.94 13.19
CA GLY B 264 -23.49 -8.84 12.65
C GLY B 264 -23.97 -8.47 11.27
N GLY B 265 -23.72 -7.24 10.84
CA GLY B 265 -24.17 -6.79 9.53
C GLY B 265 -25.57 -6.21 9.58
N THR B 266 -25.81 -5.18 8.78
CA THR B 266 -27.13 -4.55 8.69
C THR B 266 -27.65 -4.73 7.27
N LYS B 267 -28.88 -5.24 7.16
CA LYS B 267 -29.53 -5.42 5.87
C LYS B 267 -30.40 -4.21 5.58
N LEU B 268 -30.05 -3.46 4.54
CA LEU B 268 -30.78 -2.24 4.17
C LEU B 268 -31.78 -2.58 3.08
N THR B 269 -33.06 -2.34 3.36
CA THR B 269 -34.13 -2.50 2.39
C THR B 269 -34.53 -1.13 1.87
N VAL B 270 -34.54 -0.98 0.55
CA VAL B 270 -34.94 0.26 -0.09
C VAL B 270 -36.40 0.14 -0.48
N LEU B 271 -37.28 0.82 0.26
CA LEU B 271 -38.70 0.78 -0.04
C LEU B 271 -38.99 1.56 -1.32
N GLY B 272 -39.93 1.05 -2.11
CA GLY B 272 -40.30 1.70 -3.35
C GLY B 272 -39.63 1.10 -4.57
C1 NAG C . -25.20 7.90 14.28
C2 NAG C . -24.97 9.20 15.06
C3 NAG C . -25.95 9.31 16.22
C4 NAG C . -27.38 9.14 15.73
C5 NAG C . -27.51 7.82 14.96
C6 NAG C . -28.88 7.61 14.37
C7 NAG C . -22.64 9.98 14.94
C8 NAG C . -21.29 9.94 15.59
N2 NAG C . -23.60 9.27 15.54
O3 NAG C . -25.80 10.58 16.85
O4 NAG C . -28.29 9.14 16.83
O5 NAG C . -26.57 7.82 13.87
O6 NAG C . -29.18 8.59 13.39
O7 NAG C . -22.86 10.63 13.93
#